data_4EIB
#
_entry.id   4EIB
#
_cell.length_a   66.945
_cell.length_b   66.945
_cell.length_c   44.356
_cell.angle_alpha   90.00
_cell.angle_beta   90.00
_cell.angle_gamma   90.00
#
_symmetry.space_group_name_H-M   'P 4'
#
loop_
_entity.id
_entity.type
_entity.pdbx_description
1 polymer Glucoamylase
2 non-polymer 'SULFATE ION'
3 non-polymer 'AMMONIUM ION'
4 non-polymer 'SODIUM ION'
5 non-polymer 'CHLORIDE ION'
6 non-polymer 'ACETATE ION'
7 water water
#
_entity_poly.entity_id   1
_entity_poly.type   'polypeptide(L)'
_entity_poly.pdbx_seq_one_letter_code
;MGKTYYDNNNSANYQVSTHMASIPSSASVQLDSYNYDGSTFSGKIYVKNIAYSKKVTVVYADGSDNWNNNGNIIAASFSG
PISGSNYEYWTFSASVKGIKEFYIKYEVS
;
_entity_poly.pdbx_strand_id   A,B
#
# COMPACT_ATOMS: atom_id res chain seq x y z
N GLY A 2 -17.29 -22.11 19.47
CA GLY A 2 -18.07 -22.32 18.21
C GLY A 2 -19.43 -21.64 18.27
N LYS A 3 -19.43 -20.31 18.49
CA LYS A 3 -20.63 -19.49 18.35
C LYS A 3 -20.49 -18.56 17.11
N THR A 4 -21.65 -18.22 16.55
CA THR A 4 -21.76 -17.27 15.45
C THR A 4 -22.60 -16.08 15.90
N TYR A 5 -22.05 -14.88 15.69
CA TYR A 5 -22.76 -13.62 15.95
C TYR A 5 -22.97 -12.86 14.65
N TYR A 6 -23.89 -11.88 14.69
CA TYR A 6 -24.18 -11.13 13.46
C TYR A 6 -24.23 -9.63 13.67
N ASP A 7 -23.93 -8.84 12.63
CA ASP A 7 -24.46 -7.49 12.62
C ASP A 7 -25.35 -7.41 11.38
N ASN A 8 -26.65 -7.48 11.60
CA ASN A 8 -27.63 -7.37 10.50
C ASN A 8 -28.46 -6.08 10.59
N ASN A 9 -27.84 -5.05 11.17
CA ASN A 9 -28.44 -3.69 11.23
C ASN A 9 -29.89 -3.79 11.84
N ASN A 10 -29.99 -4.36 13.05
CA ASN A 10 -31.30 -4.55 13.72
C ASN A 10 -32.33 -5.33 12.87
N SER A 11 -31.84 -6.37 12.19
CA SER A 11 -32.65 -7.20 11.34
C SER A 11 -33.06 -6.62 10.02
N ALA A 12 -32.69 -5.37 9.73
CA ALA A 12 -33.03 -4.68 8.48
C ALA A 12 -32.06 -5.02 7.35
N ASN A 13 -30.83 -5.46 7.70
CA ASN A 13 -29.68 -5.49 6.79
C ASN A 13 -29.24 -4.07 6.43
N TYR A 14 -27.98 -3.93 6.06
CA TYR A 14 -27.53 -2.66 5.56
C TYR A 14 -27.90 -2.53 4.09
N GLN A 15 -28.48 -1.38 3.74
CA GLN A 15 -28.99 -1.10 2.38
C GLN A 15 -27.94 -0.26 1.65
N VAL A 16 -27.48 -0.74 0.47
CA VAL A 16 -26.40 -0.06 -0.25
C VAL A 16 -26.98 0.66 -1.47
N SER A 17 -26.76 1.96 -1.61
CA SER A 17 -26.81 2.50 -2.97
C SER A 17 -25.37 2.91 -3.32
N THR A 18 -25.05 2.98 -4.62
CA THR A 18 -23.73 3.40 -5.09
C THR A 18 -23.41 4.85 -4.63
N HIS A 19 -22.19 5.04 -4.09
CA HIS A 19 -21.67 6.38 -3.74
C HIS A 19 -21.15 6.98 -5.05
N MET A 20 -21.91 7.95 -5.58
CA MET A 20 -21.58 8.63 -6.84
C MET A 20 -20.37 9.54 -6.66
N ALA A 21 -19.53 9.59 -7.69
CA ALA A 21 -18.36 10.47 -7.67
C ALA A 21 -18.79 11.94 -7.80
N SER A 22 -18.18 12.82 -7.00
CA SER A 22 -18.30 14.23 -7.24
C SER A 22 -16.97 14.58 -7.83
N ILE A 23 -16.91 14.51 -9.14
CA ILE A 23 -15.63 14.68 -9.79
C ILE A 23 -15.24 16.14 -9.67
N PRO A 24 -13.98 16.39 -9.33
CA PRO A 24 -13.49 17.81 -9.23
C PRO A 24 -13.91 18.61 -10.47
N SER A 25 -14.14 19.92 -10.36
CA SER A 25 -14.53 20.73 -11.53
C SER A 25 -13.36 20.87 -12.46
N SER A 26 -12.15 21.04 -11.90
CA SER A 26 -11.00 21.25 -12.79
C SER A 26 -9.70 20.60 -12.37
N ALA A 27 -9.54 20.23 -11.09
CA ALA A 27 -8.20 19.91 -10.56
C ALA A 27 -7.63 18.69 -11.18
N SER A 28 -6.32 18.71 -11.44
CA SER A 28 -5.64 17.51 -11.97
C SER A 28 -5.61 16.37 -10.93
N VAL A 29 -5.54 16.73 -9.65
CA VAL A 29 -5.56 15.65 -8.59
C VAL A 29 -6.27 16.23 -7.40
N GLN A 30 -7.13 15.44 -6.76
CA GLN A 30 -7.86 15.94 -5.59
C GLN A 30 -8.23 14.82 -4.63
N LEU A 31 -7.87 15.00 -3.38
CA LEU A 31 -8.23 14.05 -2.37
C LEU A 31 -9.75 13.81 -2.36
N ASP A 32 -10.19 12.56 -2.35
CA ASP A 32 -11.62 12.24 -2.18
C ASP A 32 -11.87 12.12 -0.66
N SER A 33 -11.19 11.20 0.03
CA SER A 33 -11.41 11.03 1.48
C SER A 33 -10.20 10.38 2.13
N TYR A 34 -10.07 10.44 3.44
CA TYR A 34 -9.00 9.64 4.08
C TYR A 34 -9.42 9.29 5.47
N ASN A 35 -8.72 8.34 6.07
CA ASN A 35 -8.99 7.96 7.45
C ASN A 35 -7.67 7.74 8.12
N TYR A 36 -7.51 8.30 9.31
CA TYR A 36 -6.35 7.89 10.16
C TYR A 36 -6.89 7.40 11.49
N ASP A 37 -6.63 6.13 11.80
CA ASP A 37 -7.23 5.50 13.00
C ASP A 37 -6.24 5.26 14.11
N GLY A 38 -5.05 5.87 14.03
CA GLY A 38 -4.03 5.71 15.05
C GLY A 38 -2.97 4.70 14.65
N SER A 39 -3.30 3.82 13.69
CA SER A 39 -2.34 2.82 13.24
C SER A 39 -2.18 2.85 11.73
N THR A 40 -3.32 2.97 11.02
CA THR A 40 -3.34 3.00 9.55
C THR A 40 -3.89 4.32 8.99
N PHE A 41 -3.17 4.88 8.00
CA PHE A 41 -3.53 6.09 7.30
C PHE A 41 -3.86 5.65 5.89
N SER A 42 -5.09 5.84 5.45
CA SER A 42 -5.50 5.26 4.17
C SER A 42 -6.44 6.24 3.51
N GLY A 43 -6.73 6.06 2.22
CA GLY A 43 -7.61 7.06 1.62
C GLY A 43 -7.83 6.78 0.15
N LYS A 44 -8.48 7.74 -0.51
CA LYS A 44 -8.93 7.64 -1.90
C LYS A 44 -8.74 8.99 -2.56
N ILE A 45 -8.36 8.97 -3.84
CA ILE A 45 -7.89 10.22 -4.46
C ILE A 45 -8.45 10.21 -5.88
N TYR A 46 -9.04 11.34 -6.32
CA TYR A 46 -9.45 11.52 -7.71
C TYR A 46 -8.24 11.98 -8.49
N VAL A 47 -7.99 11.30 -9.61
CA VAL A 47 -6.81 11.58 -10.43
C VAL A 47 -7.23 11.80 -11.88
N LYS A 48 -6.89 12.97 -12.47
CA LYS A 48 -7.45 13.31 -13.81
C LYS A 48 -6.64 12.56 -14.82
N ASN A 49 -7.28 11.91 -15.79
CA ASN A 49 -6.54 11.11 -16.75
C ASN A 49 -5.92 12.01 -17.84
N ILE A 50 -4.91 12.76 -17.43
CA ILE A 50 -4.29 13.70 -18.36
C ILE A 50 -3.03 13.20 -19.06
N ALA A 51 -2.70 11.92 -18.89
CA ALA A 51 -1.52 11.30 -19.50
C ALA A 51 -1.51 9.85 -19.11
N TYR A 52 -0.88 8.98 -19.91
CA TYR A 52 -0.97 7.54 -19.61
C TYR A 52 -0.19 7.15 -18.35
N SER A 53 1.09 7.52 -18.29
CA SER A 53 1.95 7.25 -17.14
C SER A 53 1.73 8.23 -15.99
N LYS A 54 1.50 7.65 -14.82
CA LYS A 54 1.13 8.42 -13.62
C LYS A 54 1.84 7.87 -12.37
N LYS A 55 2.21 8.76 -11.46
CA LYS A 55 2.74 8.37 -10.18
C LYS A 55 2.06 9.26 -9.15
N VAL A 56 1.44 8.68 -8.13
CA VAL A 56 0.68 9.50 -7.19
C VAL A 56 1.19 9.17 -5.83
N THR A 57 1.61 10.18 -5.06
CA THR A 57 2.13 9.91 -3.74
C THR A 57 1.53 10.86 -2.69
N VAL A 58 1.62 10.45 -1.42
CA VAL A 58 1.08 11.28 -0.35
C VAL A 58 2.34 11.69 0.43
N VAL A 59 2.54 13.00 0.60
CA VAL A 59 3.70 13.49 1.35
C VAL A 59 3.20 13.99 2.70
N TYR A 60 3.74 13.52 3.84
CA TYR A 60 3.12 13.88 5.10
C TYR A 60 4.06 14.32 6.20
N ALA A 61 3.50 14.99 7.21
CA ALA A 61 4.27 15.41 8.39
C ALA A 61 3.86 14.46 9.48
N ASP A 62 4.84 13.96 10.23
CA ASP A 62 4.58 12.90 11.19
C ASP A 62 3.83 13.39 12.46
N GLY A 63 3.86 12.55 13.51
CA GLY A 63 3.12 12.85 14.76
C GLY A 63 3.58 14.11 15.48
N SER A 64 4.84 14.54 15.28
CA SER A 64 5.24 15.85 15.86
C SER A 64 5.25 16.97 14.83
N ASP A 65 4.47 16.79 13.77
CA ASP A 65 4.42 17.75 12.67
C ASP A 65 5.81 17.98 11.96
N ASN A 66 6.64 16.94 11.87
CA ASN A 66 7.87 17.07 11.09
C ASN A 66 7.72 16.46 9.73
N TRP A 67 8.09 17.23 8.70
CA TRP A 67 8.00 16.74 7.31
C TRP A 67 9.22 15.99 6.89
N ASN A 68 10.30 16.11 7.68
CA ASN A 68 11.55 15.45 7.29
C ASN A 68 11.96 15.78 5.86
N ASN A 69 12.08 17.08 5.60
CA ASN A 69 12.38 17.55 4.24
C ASN A 69 11.52 16.96 3.15
N ASN A 70 10.23 16.84 3.43
CA ASN A 70 9.23 16.26 2.50
C ASN A 70 9.60 14.85 2.10
N GLY A 71 10.15 14.11 3.07
CA GLY A 71 10.63 12.75 2.83
C GLY A 71 9.75 11.65 3.40
N ASN A 72 8.59 11.97 3.97
CA ASN A 72 7.70 10.95 4.52
C ASN A 72 6.68 10.69 3.44
N ILE A 73 6.77 9.54 2.76
CA ILE A 73 6.08 9.36 1.49
C ILE A 73 5.33 8.04 1.53
N ILE A 74 4.13 8.06 0.98
CA ILE A 74 3.29 6.86 0.80
C ILE A 74 2.90 6.85 -0.66
N ALA A 75 3.06 5.70 -1.33
CA ALA A 75 2.68 5.55 -2.74
C ALA A 75 1.25 5.12 -2.84
N ALA A 76 0.50 5.78 -3.70
CA ALA A 76 -0.86 5.32 -4.05
C ALA A 76 -0.89 4.33 -5.24
N SER A 77 -1.97 3.54 -5.34
CA SER A 77 -2.17 2.56 -6.39
C SER A 77 -3.44 2.87 -7.16
N PHE A 78 -3.38 2.62 -8.46
CA PHE A 78 -4.52 2.82 -9.34
C PHE A 78 -5.61 1.87 -8.86
N SER A 79 -6.83 2.36 -8.69
CA SER A 79 -7.92 1.49 -8.35
C SER A 79 -8.83 1.21 -9.57
N GLY A 80 -9.19 2.25 -10.32
CA GLY A 80 -9.96 2.02 -11.53
C GLY A 80 -10.49 3.34 -12.07
N PRO A 81 -10.99 3.35 -13.33
CA PRO A 81 -11.56 4.58 -13.88
C PRO A 81 -12.94 4.85 -13.22
N ILE A 82 -13.38 6.12 -13.22
CA ILE A 82 -14.72 6.45 -12.81
C ILE A 82 -15.50 6.53 -14.09
N SER A 83 -16.37 5.54 -14.32
CA SER A 83 -17.10 5.46 -15.59
C SER A 83 -17.80 6.73 -16.02
N GLY A 84 -17.61 7.11 -17.27
CA GLY A 84 -18.30 8.26 -17.82
C GLY A 84 -17.57 9.55 -17.50
N SER A 85 -16.41 9.50 -16.83
CA SER A 85 -15.67 10.71 -16.50
C SER A 85 -14.25 10.58 -16.99
N ASN A 86 -13.48 11.67 -16.92
CA ASN A 86 -12.06 11.58 -17.26
C ASN A 86 -11.20 11.46 -16.01
N TYR A 87 -11.80 11.07 -14.89
CA TYR A 87 -11.05 10.84 -13.63
C TYR A 87 -10.95 9.32 -13.32
N GLU A 88 -10.02 8.96 -12.44
CA GLU A 88 -9.76 7.61 -11.92
C GLU A 88 -9.68 7.68 -10.40
N TYR A 89 -9.91 6.55 -9.75
CA TYR A 89 -9.74 6.45 -8.29
C TYR A 89 -8.40 5.79 -8.11
N TRP A 90 -7.59 6.45 -7.26
CA TRP A 90 -6.39 5.85 -6.66
C TRP A 90 -6.54 5.73 -5.15
N THR A 91 -5.99 4.70 -4.56
CA THR A 91 -6.15 4.47 -3.11
C THR A 91 -4.78 4.35 -2.51
N PHE A 92 -4.71 4.53 -1.19
CA PHE A 92 -3.50 4.31 -0.48
C PHE A 92 -3.82 3.78 0.89
N SER A 93 -2.88 3.06 1.47
CA SER A 93 -3.05 2.62 2.82
C SER A 93 -1.65 2.24 3.38
N ALA A 94 -1.31 2.72 4.58
CA ALA A 94 0.05 2.45 5.16
C ALA A 94 -0.05 2.46 6.66
N SER A 95 0.84 1.67 7.31
CA SER A 95 1.03 1.74 8.76
C SER A 95 1.76 3.06 9.05
N VAL A 96 1.18 3.87 9.92
CA VAL A 96 1.80 5.17 10.22
C VAL A 96 1.68 5.42 11.72
N LYS A 97 2.81 5.81 12.35
CA LYS A 97 2.91 5.89 13.85
C LYS A 97 2.22 7.19 14.30
N GLY A 98 2.35 8.22 13.49
CA GLY A 98 1.73 9.51 13.78
C GLY A 98 1.66 10.31 12.49
N ILE A 99 0.64 11.15 12.34
CA ILE A 99 0.58 12.03 11.20
C ILE A 99 -0.20 13.27 11.57
N LYS A 100 0.35 14.44 11.23
CA LYS A 100 -0.39 15.68 11.53
C LYS A 100 -0.91 16.37 10.28
N GLU A 101 -0.20 16.26 9.16
CA GLU A 101 -0.63 16.99 7.94
C GLU A 101 -0.21 16.22 6.67
N PHE A 102 -0.82 16.49 5.52
CA PHE A 102 -0.34 15.97 4.28
C PHE A 102 -0.81 16.74 3.03
N TYR A 103 -0.14 16.44 1.92
CA TYR A 103 -0.60 16.84 0.60
C TYR A 103 -0.33 15.73 -0.40
N ILE A 104 -0.88 15.88 -1.60
CA ILE A 104 -0.86 14.83 -2.60
C ILE A 104 -0.02 15.35 -3.79
N LYS A 105 0.85 14.48 -4.30
CA LYS A 105 1.73 14.81 -5.42
C LYS A 105 1.41 13.90 -6.58
N TYR A 106 1.25 14.47 -7.78
CA TYR A 106 0.84 13.66 -8.96
C TYR A 106 1.79 13.99 -10.07
N GLU A 107 2.54 12.98 -10.54
CA GLU A 107 3.56 13.16 -11.60
C GLU A 107 3.10 12.42 -12.85
N VAL A 108 3.14 13.12 -14.00
CA VAL A 108 2.64 12.71 -15.30
C VAL A 108 3.86 12.64 -16.24
N SER A 109 3.88 11.70 -17.18
CA SER A 109 4.87 11.73 -18.30
C SER A 109 4.03 11.55 -19.55
N GLY B 2 -19.50 -23.24 -19.81
CA GLY B 2 -20.38 -22.82 -18.67
C GLY B 2 -20.51 -21.32 -18.47
N LYS B 3 -21.38 -20.89 -17.56
CA LYS B 3 -21.24 -19.56 -16.95
C LYS B 3 -20.41 -19.68 -15.67
N THR B 4 -20.16 -20.89 -15.14
CA THR B 4 -19.20 -21.09 -14.04
C THR B 4 -18.08 -22.02 -14.45
N TYR B 5 -16.84 -21.52 -14.37
CA TYR B 5 -15.62 -22.32 -14.56
C TYR B 5 -14.83 -22.55 -13.27
N TYR B 6 -13.90 -23.51 -13.30
CA TYR B 6 -13.16 -23.79 -12.10
C TYR B 6 -11.67 -23.98 -12.36
N ASP B 7 -10.83 -23.72 -11.36
CA ASP B 7 -9.50 -24.33 -11.37
C ASP B 7 -9.43 -25.16 -10.12
N ASN B 8 -9.54 -26.47 -10.30
CA ASN B 8 -9.46 -27.38 -9.17
C ASN B 8 -8.24 -28.30 -9.25
N ASN B 9 -7.17 -27.77 -9.87
CA ASN B 9 -5.90 -28.52 -9.96
C ASN B 9 -6.10 -29.98 -10.48
N ASN B 10 -6.68 -30.12 -11.67
CA ASN B 10 -6.96 -31.41 -12.28
C ASN B 10 -7.80 -32.32 -11.38
N SER B 11 -8.79 -31.74 -10.74
CA SER B 11 -9.68 -32.44 -9.80
C SER B 11 -9.07 -32.85 -8.46
N ALA B 12 -7.79 -32.56 -8.25
CA ALA B 12 -7.08 -32.92 -7.02
C ALA B 12 -7.27 -31.88 -5.92
N ASN B 13 -7.67 -30.66 -6.28
CA ASN B 13 -7.58 -29.49 -5.39
C ASN B 13 -6.16 -29.08 -5.11
N TYR B 14 -5.95 -27.81 -4.83
CA TYR B 14 -4.61 -27.40 -4.38
C TYR B 14 -4.42 -27.73 -2.89
N GLN B 15 -3.29 -28.38 -2.55
CA GLN B 15 -3.00 -28.88 -1.19
C GLN B 15 -2.07 -27.86 -0.54
N VAL B 16 -2.50 -27.31 0.59
CA VAL B 16 -1.74 -26.26 1.24
C VAL B 16 -0.99 -26.83 2.43
N SER B 17 0.33 -26.68 2.40
CA SER B 17 1.14 -26.81 3.61
C SER B 17 1.56 -25.38 4.02
N THR B 18 1.48 -25.06 5.32
CA THR B 18 2.03 -23.79 5.85
C THR B 18 3.51 -23.53 5.40
N HIS B 19 3.73 -22.41 4.72
CA HIS B 19 5.08 -21.94 4.34
C HIS B 19 5.77 -21.42 5.60
N MET B 20 6.75 -22.18 6.12
CA MET B 20 7.48 -21.84 7.37
C MET B 20 8.48 -20.72 7.12
N ALA B 21 8.64 -19.83 8.10
CA ALA B 21 9.52 -18.69 7.94
C ALA B 21 10.98 -19.15 8.02
N SER B 22 11.85 -18.55 7.20
CA SER B 22 13.29 -18.74 7.37
C SER B 22 13.78 -17.41 7.88
N ILE B 23 13.67 -17.29 9.19
CA ILE B 23 13.96 -16.03 9.82
C ILE B 23 15.45 -15.81 9.61
N PRO B 24 15.83 -14.59 9.27
CA PRO B 24 17.24 -14.19 9.12
C PRO B 24 18.06 -14.59 10.35
N SER B 25 19.34 -14.93 10.18
CA SER B 25 20.11 -15.38 11.33
C SER B 25 20.51 -14.20 12.20
N SER B 26 20.63 -13.03 11.60
CA SER B 26 20.98 -11.85 12.40
C SER B 26 20.40 -10.51 11.89
N ALA B 27 20.03 -10.40 10.61
CA ALA B 27 19.71 -9.06 10.10
C ALA B 27 18.53 -8.39 10.78
N SER B 28 18.64 -7.08 11.02
CA SER B 28 17.49 -6.31 11.60
C SER B 28 16.32 -6.21 10.60
N VAL B 29 16.65 -6.16 9.30
CA VAL B 29 15.57 -6.17 8.24
C VAL B 29 16.07 -6.96 7.04
N GLN B 30 15.19 -7.81 6.47
CA GLN B 30 15.58 -8.60 5.32
C GLN B 30 14.41 -8.95 4.43
N LEU B 31 14.61 -8.69 3.15
CA LEU B 31 13.59 -9.02 2.18
C LEU B 31 13.26 -10.49 2.28
N ASP B 32 11.98 -10.83 2.30
CA ASP B 32 11.55 -12.23 2.16
C ASP B 32 11.34 -12.56 0.67
N SER B 33 10.46 -11.83 0.01
CA SER B 33 10.19 -12.09 -1.42
C SER B 33 9.62 -10.83 -2.06
N TYR B 34 9.61 -10.79 -3.38
CA TYR B 34 8.90 -9.70 -4.05
C TYR B 34 8.45 -10.17 -5.42
N ASN B 35 7.54 -9.41 -6.01
CA ASN B 35 7.04 -9.71 -7.34
C ASN B 35 6.88 -8.40 -8.05
N TYR B 36 7.40 -8.33 -9.27
CA TYR B 36 7.06 -7.22 -10.17
C TYR B 36 6.45 -7.79 -11.44
N ASP B 37 5.21 -7.43 -11.74
CA ASP B 37 4.52 -8.01 -12.93
C ASP B 37 4.30 -6.99 -14.05
N GLY B 38 4.99 -5.85 -13.98
CA GLY B 38 4.89 -4.82 -15.02
C GLY B 38 3.90 -3.73 -14.69
N SER B 39 3.12 -3.95 -13.64
CA SER B 39 2.08 -3.01 -13.23
C SER B 39 2.16 -2.77 -11.73
N THR B 40 2.25 -3.89 -10.98
CA THR B 40 2.33 -3.88 -9.53
C THR B 40 3.66 -4.44 -8.99
N PHE B 41 4.30 -3.67 -8.07
CA PHE B 41 5.52 -4.10 -7.35
C PHE B 41 5.09 -4.36 -5.92
N SER B 42 5.24 -5.59 -5.46
CA SER B 42 4.76 -5.96 -4.12
C SER B 42 5.72 -6.93 -3.48
N GLY B 43 5.57 -7.14 -2.18
CA GLY B 43 6.46 -8.14 -1.57
C GLY B 43 6.25 -8.18 -0.09
N LYS B 44 7.22 -8.80 0.57
CA LYS B 44 7.11 -9.21 1.94
C LYS B 44 8.49 -9.11 2.57
N ILE B 45 8.57 -8.71 3.82
CA ILE B 45 9.85 -8.30 4.41
C ILE B 45 9.84 -8.82 5.86
N TYR B 46 10.96 -9.46 6.28
CA TYR B 46 11.17 -9.82 7.68
C TYR B 46 11.74 -8.62 8.39
N VAL B 47 11.17 -8.29 9.54
CA VAL B 47 11.54 -7.09 10.29
C VAL B 47 11.74 -7.51 11.73
N LYS B 48 12.96 -7.26 12.27
CA LYS B 48 13.26 -7.77 13.63
C LYS B 48 12.57 -6.87 14.59
N ASN B 49 11.93 -7.43 15.61
CA ASN B 49 11.26 -6.57 16.57
C ASN B 49 12.23 -5.98 17.59
N ILE B 50 13.03 -5.01 17.17
CA ILE B 50 14.04 -4.43 18.06
C ILE B 50 13.68 -3.11 18.70
N ALA B 51 12.43 -2.69 18.52
CA ALA B 51 11.86 -1.48 19.15
C ALA B 51 10.42 -1.44 18.82
N TYR B 52 9.63 -0.70 19.59
CA TYR B 52 8.18 -0.70 19.38
C TYR B 52 7.78 0.08 18.12
N SER B 53 8.29 1.31 17.99
CA SER B 53 8.01 2.18 16.84
C SER B 53 8.89 1.85 15.64
N LYS B 54 8.23 1.58 14.51
CA LYS B 54 8.95 1.12 13.30
C LYS B 54 8.39 1.83 12.08
N LYS B 55 9.27 2.12 11.13
CA LYS B 55 8.87 2.59 9.85
C LYS B 55 9.69 1.79 8.81
N VAL B 56 9.03 1.21 7.83
CA VAL B 56 9.75 0.35 6.87
C VAL B 56 9.37 0.84 5.48
N THR B 57 10.37 1.21 4.68
CA THR B 57 10.12 1.66 3.35
C THR B 57 10.99 0.96 2.29
N VAL B 58 10.52 1.01 1.04
CA VAL B 58 11.28 0.44 -0.09
C VAL B 58 11.72 1.63 -0.93
N VAL B 59 13.04 1.76 -1.16
CA VAL B 59 13.58 2.84 -1.97
C VAL B 59 14.02 2.23 -3.33
N TYR B 60 13.63 2.80 -4.48
CA TYR B 60 13.87 2.05 -5.71
C TYR B 60 14.30 2.94 -6.84
N ALA B 61 14.86 2.32 -7.87
CA ALA B 61 15.26 3.04 -9.05
C ALA B 61 14.23 2.63 -10.06
N ASP B 62 13.77 3.63 -10.81
CA ASP B 62 12.66 3.43 -11.74
C ASP B 62 13.04 2.59 -13.01
N GLY B 63 12.12 2.57 -14.02
CA GLY B 63 12.39 1.86 -15.28
C GLY B 63 13.67 2.20 -16.05
N SER B 64 14.25 3.40 -15.90
CA SER B 64 15.54 3.66 -16.60
C SER B 64 16.66 3.68 -15.60
N ASP B 65 16.44 3.01 -14.45
CA ASP B 65 17.43 2.93 -13.40
C ASP B 65 17.77 4.32 -12.76
N ASN B 66 16.79 5.21 -12.67
CA ASN B 66 17.00 6.47 -11.96
C ASN B 66 16.47 6.39 -10.57
N TRP B 67 17.31 6.69 -9.57
CA TRP B 67 16.88 6.73 -8.15
C TRP B 67 16.21 8.02 -7.76
N ASN B 68 16.35 9.05 -8.61
CA ASN B 68 15.84 10.35 -8.25
C ASN B 68 16.26 10.75 -6.86
N ASN B 69 17.56 10.74 -6.63
CA ASN B 69 18.13 11.13 -5.32
C ASN B 69 17.50 10.34 -4.16
N ASN B 70 17.26 9.04 -4.37
CA ASN B 70 16.66 8.15 -3.33
C ASN B 70 15.26 8.59 -2.90
N GLY B 71 14.52 9.11 -3.88
CA GLY B 71 13.25 9.75 -3.67
C GLY B 71 12.07 8.93 -4.12
N ASN B 72 12.27 7.72 -4.67
CA ASN B 72 11.17 6.91 -5.15
C ASN B 72 10.93 5.94 -4.01
N ILE B 73 9.80 6.10 -3.30
CA ILE B 73 9.61 5.48 -1.97
C ILE B 73 8.27 4.75 -1.97
N ILE B 74 8.24 3.55 -1.39
CA ILE B 74 7.01 2.83 -1.16
C ILE B 74 7.02 2.52 0.31
N ALA B 75 5.90 2.75 0.97
CA ALA B 75 5.77 2.48 2.42
C ALA B 75 5.19 1.08 2.61
N ALA B 76 5.82 0.30 3.49
CA ALA B 76 5.33 -1.03 3.86
C ALA B 76 4.42 -0.97 5.08
N SER B 77 3.57 -1.98 5.27
CA SER B 77 2.68 -2.01 6.41
C SER B 77 2.93 -3.29 7.18
N PHE B 78 2.73 -3.18 8.48
CA PHE B 78 2.84 -4.29 9.42
C PHE B 78 1.81 -5.36 9.05
N SER B 79 2.22 -6.61 8.91
CA SER B 79 1.24 -7.68 8.60
C SER B 79 0.90 -8.51 9.86
N GLY B 80 1.92 -8.98 10.58
CA GLY B 80 1.70 -9.74 11.81
C GLY B 80 3.04 -10.24 12.36
N PRO B 81 3.08 -10.66 13.67
CA PRO B 81 4.32 -11.26 14.22
C PRO B 81 4.50 -12.64 13.59
N ILE B 82 5.74 -13.15 13.58
CA ILE B 82 5.98 -14.53 13.16
C ILE B 82 6.04 -15.31 14.49
N SER B 83 4.99 -16.09 14.76
CA SER B 83 4.89 -16.81 16.07
C SER B 83 6.11 -17.59 16.47
N GLY B 84 6.54 -17.39 17.71
CA GLY B 84 7.71 -18.07 18.19
C GLY B 84 9.03 -17.43 17.79
N SER B 85 9.03 -16.34 17.03
CA SER B 85 10.28 -15.66 16.72
C SER B 85 10.21 -14.19 17.19
N ASN B 86 11.36 -13.51 17.11
CA ASN B 86 11.41 -12.07 17.34
C ASN B 86 11.33 -11.25 16.04
N TYR B 87 10.83 -11.88 14.98
CA TYR B 87 10.58 -11.20 13.67
C TYR B 87 9.08 -11.02 13.39
N GLU B 88 8.80 -10.09 12.51
CA GLU B 88 7.42 -9.71 12.06
C GLU B 88 7.44 -9.71 10.53
N TYR B 89 6.28 -9.94 9.93
CA TYR B 89 6.11 -9.80 8.46
C TYR B 89 5.55 -8.42 8.23
N TRP B 90 6.18 -7.68 7.31
CA TRP B 90 5.61 -6.46 6.74
C TRP B 90 5.45 -6.63 5.25
N THR B 91 4.45 -6.01 4.67
CA THR B 91 4.20 -6.23 3.24
C THR B 91 4.14 -4.88 2.58
N PHE B 92 4.27 -4.86 1.26
CA PHE B 92 4.09 -3.65 0.51
C PHE B 92 3.48 -3.99 -0.85
N SER B 93 2.82 -3.03 -1.44
CA SER B 93 2.30 -3.23 -2.79
C SER B 93 1.97 -1.84 -3.37
N ALA B 94 2.46 -1.56 -4.58
CA ALA B 94 2.20 -0.27 -5.22
C ALA B 94 2.19 -0.41 -6.75
N SER B 95 1.39 0.44 -7.40
CA SER B 95 1.40 0.53 -8.87
C SER B 95 2.72 1.18 -9.23
N VAL B 96 3.54 0.52 -10.06
CA VAL B 96 4.83 1.10 -10.43
C VAL B 96 5.01 0.95 -11.93
N LYS B 97 5.39 2.04 -12.63
CA LYS B 97 5.54 2.04 -14.09
C LYS B 97 6.77 1.26 -14.58
N GLY B 98 7.86 1.31 -13.81
CA GLY B 98 9.06 0.56 -14.11
C GLY B 98 9.91 0.58 -12.86
N ILE B 99 10.76 -0.43 -12.70
CA ILE B 99 11.62 -0.48 -11.56
C ILE B 99 12.77 -1.36 -11.95
N LYS B 100 13.99 -0.91 -11.69
CA LYS B 100 15.15 -1.73 -12.01
C LYS B 100 15.87 -2.26 -10.75
N GLU B 101 15.87 -1.52 -9.65
CA GLU B 101 16.60 -1.98 -8.45
C GLU B 101 15.90 -1.43 -7.20
N PHE B 102 16.18 -1.98 -6.03
CA PHE B 102 15.65 -1.43 -4.78
C PHE B 102 16.45 -1.90 -3.55
N TYR B 103 16.25 -1.17 -2.45
CA TYR B 103 16.70 -1.65 -1.16
C TYR B 103 15.63 -1.28 -0.13
N ILE B 104 15.75 -1.86 1.06
CA ILE B 104 14.73 -1.65 2.14
C ILE B 104 15.37 -0.80 3.25
N LYS B 105 14.59 0.12 3.83
CA LYS B 105 15.08 1.02 4.86
C LYS B 105 14.15 0.83 6.07
N TYR B 106 14.74 0.67 7.26
CA TYR B 106 13.98 0.32 8.47
C TYR B 106 14.40 1.30 9.53
N GLU B 107 13.45 2.15 9.97
CA GLU B 107 13.75 3.17 11.00
C GLU B 107 13.05 2.81 12.33
N VAL B 108 13.81 2.76 13.43
CA VAL B 108 13.26 2.48 14.75
C VAL B 108 13.30 3.75 15.64
N SER B 109 12.41 3.91 16.61
CA SER B 109 12.31 5.17 17.41
C SER B 109 11.83 4.81 18.79
#